data_1Y12
#
_entry.id   1Y12
#
_cell.length_a   146.729
_cell.length_b   146.729
_cell.length_c   42.222
_cell.angle_alpha   90.00
_cell.angle_beta   90.00
_cell.angle_gamma   120.00
#
_symmetry.space_group_name_H-M   'P 6'
#
loop_
_entity.id
_entity.type
_entity.pdbx_description
1 polymer 'hypothetical protein PA0085'
2 water water
#
_entity_poly.entity_id   1
_entity_poly.type   'polypeptide(L)'
_entity_poly.pdbx_seq_one_letter_code
;SNAMAVD(MSE)FIKIGDVKGESKDKTHAEEIDVLAWSWG(MSE)SQSGS(MSE)H(MSE)GGGGGAGKVNVQDLSFTKY
IDKSTPNL(MSE)(MSE)ACSSGKHYPQAKLTIRKAGGENQVEYLIITLKEVLVSSVSTGGSGGEDRLTENVTLNFAQVQ
VDYQPQKADGAKDGGPVKYGWNIRQNVQA
;
_entity_poly.pdbx_strand_id   A,B,C
#
# COMPACT_ATOMS: atom_id res chain seq x y z
N ALA A 5 -4.25 20.03 7.50
CA ALA A 5 -3.04 20.18 6.63
C ALA A 5 -1.77 19.80 7.38
N VAL A 6 -0.86 19.12 6.69
CA VAL A 6 0.39 18.67 7.31
C VAL A 6 1.30 19.85 7.66
N ASP A 7 2.11 19.70 8.72
CA ASP A 7 3.12 20.70 9.06
C ASP A 7 4.47 20.29 8.46
N PHE A 9 8.73 21.30 7.80
CA PHE A 9 9.91 22.04 8.28
C PHE A 9 11.15 21.54 7.58
N ILE A 10 12.14 22.41 7.47
CA ILE A 10 13.46 21.98 6.97
C ILE A 10 14.60 22.58 7.78
N LYS A 11 15.55 21.73 8.10
CA LYS A 11 16.76 22.14 8.82
C LYS A 11 17.95 21.97 7.87
N ILE A 12 18.59 23.09 7.52
CA ILE A 12 19.75 23.06 6.63
C ILE A 12 20.99 23.41 7.44
N GLY A 13 21.92 22.47 7.56
CA GLY A 13 23.12 22.68 8.38
C GLY A 13 22.76 23.17 9.78
N ASP A 14 23.45 24.21 10.22
CA ASP A 14 23.14 24.89 11.49
C ASP A 14 22.44 26.22 11.25
N VAL A 15 21.92 26.40 10.03
CA VAL A 15 21.24 27.65 9.68
C VAL A 15 19.92 27.77 10.44
N LYS A 16 19.75 28.91 11.12
CA LYS A 16 18.51 29.17 11.86
C LYS A 16 17.48 29.88 10.97
N GLY A 17 16.28 29.30 10.92
CA GLY A 17 15.11 29.97 10.37
C GLY A 17 14.27 30.54 11.50
N GLU A 18 13.00 30.84 11.22
CA GLU A 18 12.14 31.51 12.19
C GLU A 18 10.92 30.71 12.63
N SER A 19 10.96 29.38 12.46
CA SER A 19 9.87 28.53 12.90
C SER A 19 9.61 28.71 14.38
N LYS A 20 8.33 28.82 14.73
CA LYS A 20 7.91 28.94 16.11
C LYS A 20 7.32 27.62 16.60
N ASP A 21 7.52 26.57 15.81
CA ASP A 21 7.08 25.23 16.17
C ASP A 21 7.74 24.77 17.45
N LYS A 22 6.96 24.12 18.30
CA LYS A 22 7.44 23.66 19.60
C LYS A 22 8.65 22.73 19.48
N THR A 23 8.64 21.77 18.56
CA THR A 23 9.80 20.86 18.41
C THR A 23 10.73 21.17 17.24
N HIS A 24 10.26 21.91 16.26
CA HIS A 24 11.14 22.34 15.17
C HIS A 24 11.50 23.82 15.25
N ALA A 25 11.56 24.33 16.48
CA ALA A 25 11.94 25.73 16.75
C ALA A 25 13.20 26.15 16.01
N GLU A 26 13.10 27.29 15.32
CA GLU A 26 14.23 27.90 14.59
C GLU A 26 14.76 27.09 13.43
N GLU A 27 13.92 26.20 12.91
CA GLU A 27 14.15 25.61 11.61
C GLU A 27 13.43 26.50 10.60
N ILE A 28 13.42 26.12 9.33
CA ILE A 28 12.70 26.90 8.33
C ILE A 28 11.30 26.31 8.10
N ASP A 29 10.28 27.15 8.21
CA ASP A 29 8.90 26.76 7.81
C ASP A 29 8.80 26.52 6.30
N VAL A 30 8.28 25.35 5.92
CA VAL A 30 8.14 24.97 4.53
C VAL A 30 6.69 25.08 4.07
N LEU A 31 6.46 25.86 3.02
CA LEU A 31 5.11 26.12 2.53
C LEU A 31 4.67 25.14 1.44
N ALA A 32 5.66 24.60 0.74
CA ALA A 32 5.45 23.66 -0.37
C ALA A 32 6.82 23.06 -0.69
N TRP A 33 6.83 21.88 -1.30
CA TRP A 33 8.08 21.27 -1.78
C TRP A 33 7.77 20.34 -2.94
N SER A 34 8.77 20.07 -3.76
CA SER A 34 8.63 19.11 -4.84
C SER A 34 9.97 18.45 -5.09
N TRP A 35 9.92 17.21 -5.57
CA TRP A 35 11.12 16.45 -5.79
C TRP A 35 10.77 15.27 -6.70
N GLY A 36 11.78 14.72 -7.34
CA GLY A 36 11.54 13.63 -8.26
C GLY A 36 12.79 12.91 -8.71
N SER A 38 13.93 9.82 -12.07
CA SER A 38 13.55 9.05 -13.23
C SER A 38 14.64 8.03 -13.55
N GLN A 39 14.24 6.98 -14.27
CA GLN A 39 15.10 5.85 -14.59
C GLN A 39 15.06 5.66 -16.10
N SER A 40 16.24 5.58 -16.72
CA SER A 40 16.35 5.50 -18.18
C SER A 40 16.31 4.06 -18.72
N GLY A 41 16.35 3.07 -17.82
CA GLY A 41 16.29 1.66 -18.21
C GLY A 41 15.04 1.33 -19.02
N SER A 42 15.08 0.27 -19.80
CA SER A 42 13.96 -0.10 -20.67
C SER A 42 13.65 -1.59 -20.63
N HIS A 44 11.71 -2.93 -22.91
CA HIS A 44 11.36 -3.28 -24.29
C HIS A 44 12.51 -3.95 -25.06
N GLY A 46 14.91 -6.52 -23.63
CA GLY A 46 15.12 -7.92 -23.27
C GLY A 46 16.56 -8.39 -23.39
N GLY A 47 16.75 -9.70 -23.28
CA GLY A 47 18.08 -10.32 -23.40
C GLY A 47 18.98 -10.10 -22.19
N GLY A 48 18.45 -9.42 -21.16
CA GLY A 48 19.21 -9.11 -19.96
C GLY A 48 19.94 -7.78 -20.05
N GLY A 50 18.38 -4.00 -21.28
CA GLY A 50 18.19 -2.56 -21.40
C GLY A 50 18.46 -1.78 -20.11
N ALA A 51 19.66 -1.96 -19.56
CA ALA A 51 20.05 -1.31 -18.31
C ALA A 51 20.35 0.18 -18.48
N GLY A 52 19.85 0.97 -17.54
CA GLY A 52 20.05 2.42 -17.56
C GLY A 52 20.46 2.94 -16.20
N LYS A 53 20.21 4.21 -15.96
CA LYS A 53 20.58 4.82 -14.69
C LYS A 53 19.47 5.70 -14.14
N VAL A 54 19.53 5.95 -12.83
CA VAL A 54 18.61 6.89 -12.21
C VAL A 54 19.15 8.33 -12.37
N ASN A 55 18.25 9.26 -12.65
CA ASN A 55 18.53 10.68 -12.51
C ASN A 55 17.73 11.22 -11.35
N VAL A 56 18.41 11.75 -10.34
CA VAL A 56 17.73 12.31 -9.17
C VAL A 56 17.71 13.84 -9.31
N GLN A 57 16.51 14.42 -9.21
CA GLN A 57 16.36 15.87 -9.30
C GLN A 57 16.80 16.57 -8.01
N ASP A 58 17.09 17.86 -8.12
CA ASP A 58 17.24 18.72 -6.94
C ASP A 58 15.91 18.78 -6.21
N LEU A 59 15.96 18.98 -4.91
CA LEU A 59 14.74 19.18 -4.14
C LEU A 59 14.42 20.67 -4.08
N SER A 60 13.18 21.03 -4.41
CA SER A 60 12.68 22.40 -4.35
C SER A 60 11.75 22.58 -3.16
N PHE A 61 11.86 23.71 -2.48
CA PHE A 61 10.89 24.05 -1.44
C PHE A 61 10.60 25.55 -1.40
N THR A 62 9.43 25.89 -0.87
CA THR A 62 9.00 27.28 -0.73
C THR A 62 9.03 27.64 0.75
N LYS A 63 9.49 28.84 1.05
CA LYS A 63 9.63 29.32 2.42
C LYS A 63 9.28 30.80 2.45
N TYR A 64 9.05 31.33 3.66
CA TYR A 64 9.01 32.78 3.83
C TYR A 64 10.44 33.31 3.78
N ILE A 65 10.61 34.50 3.20
CA ILE A 65 11.84 35.27 3.41
C ILE A 65 12.00 35.42 4.92
N ASP A 66 13.17 35.07 5.42
CA ASP A 66 13.41 35.06 6.87
C ASP A 66 14.90 35.15 7.18
N LYS A 67 15.29 35.02 8.44
CA LYS A 67 16.70 35.21 8.82
C LYS A 67 17.68 34.23 8.15
N SER A 68 17.17 33.14 7.59
CA SER A 68 18.02 32.19 6.85
C SER A 68 18.35 32.69 5.44
N THR A 69 17.53 33.60 4.93
CA THR A 69 17.64 34.04 3.52
C THR A 69 19.06 34.47 3.10
N PRO A 70 19.68 35.41 3.84
CA PRO A 70 21.04 35.82 3.44
C PRO A 70 22.08 34.70 3.51
N ASN A 71 21.95 33.81 4.50
CA ASN A 71 22.83 32.65 4.61
C ASN A 71 22.71 31.66 3.45
N LEU A 72 21.48 31.41 3.03
CA LEU A 72 21.22 30.55 1.87
C LEU A 72 21.73 31.20 0.57
N ALA A 75 25.51 30.72 0.66
CA ALA A 75 25.82 29.33 0.33
C ALA A 75 25.73 29.13 -1.18
N CYS A 76 24.65 29.62 -1.79
CA CYS A 76 24.45 29.53 -3.23
C CYS A 76 25.60 30.18 -4.01
N SER A 77 26.02 31.37 -3.58
CA SER A 77 27.07 32.13 -4.27
C SER A 77 28.45 31.52 -4.06
N SER A 78 28.77 31.13 -2.84
CA SER A 78 30.10 30.59 -2.51
C SER A 78 30.27 29.16 -3.00
N GLY A 79 29.14 28.47 -3.18
CA GLY A 79 29.12 27.07 -3.56
C GLY A 79 29.57 26.15 -2.45
N LYS A 80 29.46 26.62 -1.20
CA LYS A 80 29.87 25.84 -0.04
C LYS A 80 28.73 24.95 0.40
N HIS A 81 29.02 23.68 0.62
CA HIS A 81 27.95 22.73 0.94
C HIS A 81 27.80 22.54 2.44
N TYR A 82 26.61 22.11 2.83
CA TYR A 82 26.30 21.79 4.20
C TYR A 82 26.41 20.27 4.36
N PRO A 83 26.76 19.80 5.57
CA PRO A 83 26.79 18.35 5.78
C PRO A 83 25.43 17.69 5.57
N GLN A 84 24.36 18.31 6.07
CA GLN A 84 23.04 17.68 6.05
C GLN A 84 21.91 18.71 5.94
N ALA A 85 20.82 18.29 5.31
CA ALA A 85 19.56 19.00 5.34
C ALA A 85 18.47 17.99 5.63
N LYS A 86 17.52 18.35 6.49
CA LYS A 86 16.43 17.43 6.82
C LYS A 86 15.04 18.05 6.67
N LEU A 87 14.25 17.47 5.77
CA LEU A 87 12.87 17.91 5.57
C LEU A 87 11.94 16.98 6.32
N THR A 88 11.15 17.56 7.22
CA THR A 88 10.21 16.80 8.05
C THR A 88 8.77 17.18 7.71
N ILE A 89 7.95 16.17 7.43
CA ILE A 89 6.52 16.33 7.17
C ILE A 89 5.78 15.64 8.31
N ARG A 90 4.95 16.39 9.02
CA ARG A 90 4.28 15.87 10.22
C ARG A 90 2.78 15.94 10.02
N LYS A 91 2.06 14.91 10.44
CA LYS A 91 0.59 14.93 10.37
C LYS A 91 0.05 16.10 11.17
N ALA A 92 -1.02 16.70 10.65
CA ALA A 92 -1.70 17.84 11.29
C ALA A 92 -2.05 17.56 12.74
N GLY A 93 -1.92 18.58 13.59
CA GLY A 93 -2.36 18.48 14.99
C GLY A 93 -1.34 18.86 16.05
N GLY A 94 -0.09 19.07 15.65
CA GLY A 94 0.93 19.50 16.58
C GLY A 94 2.09 18.53 16.78
N GLU A 95 2.95 18.84 17.76
CA GLU A 95 4.27 18.23 17.87
C GLU A 95 4.28 16.80 18.42
N ASN A 96 3.16 16.37 18.98
CA ASN A 96 2.98 14.97 19.40
C ASN A 96 2.61 14.05 18.22
N GLN A 97 2.13 14.65 17.13
CA GLN A 97 1.74 13.91 15.93
C GLN A 97 2.92 13.26 15.23
N VAL A 98 2.62 12.27 14.40
CA VAL A 98 3.64 11.44 13.80
C VAL A 98 4.32 12.19 12.67
N GLU A 99 5.65 12.23 12.73
CA GLU A 99 6.48 12.75 11.65
C GLU A 99 6.60 11.63 10.60
N TYR A 100 5.63 11.58 9.70
CA TYR A 100 5.42 10.39 8.86
C TYR A 100 6.29 10.33 7.60
N LEU A 101 6.88 11.46 7.22
CA LEU A 101 7.80 11.50 6.08
C LEU A 101 8.99 12.40 6.40
N ILE A 102 10.17 11.81 6.44
CA ILE A 102 11.39 12.51 6.74
C ILE A 102 12.40 12.25 5.63
N ILE A 103 12.84 13.32 4.97
CA ILE A 103 13.79 13.24 3.89
C ILE A 103 15.11 13.89 4.32
N THR A 104 16.17 13.11 4.34
CA THR A 104 17.48 13.58 4.78
C THR A 104 18.45 13.59 3.60
N LEU A 105 19.08 14.74 3.39
CA LEU A 105 19.99 14.98 2.28
C LEU A 105 21.38 15.19 2.87
N LYS A 106 22.38 14.57 2.25
CA LYS A 106 23.75 14.69 2.73
C LYS A 106 24.64 15.28 1.66
N GLU A 107 25.52 16.19 2.09
CA GLU A 107 26.40 17.00 1.23
C GLU A 107 25.57 17.92 0.37
N VAL A 108 25.10 19.01 0.97
CA VAL A 108 24.02 19.78 0.39
C VAL A 108 24.45 21.15 -0.13
N LEU A 109 24.19 21.35 -1.42
CA LEU A 109 24.51 22.59 -2.10
C LEU A 109 23.20 23.36 -2.29
N VAL A 110 23.22 24.67 -2.06
CA VAL A 110 22.08 25.50 -2.42
C VAL A 110 22.21 25.84 -3.91
N SER A 111 21.43 25.18 -4.73
CA SER A 111 21.54 25.32 -6.18
C SER A 111 20.82 26.53 -6.79
N SER A 112 19.80 27.04 -6.10
CA SER A 112 19.15 28.29 -6.55
C SER A 112 18.36 28.92 -5.43
N VAL A 113 18.16 30.24 -5.53
CA VAL A 113 17.25 30.99 -4.66
C VAL A 113 16.51 31.95 -5.57
N SER A 114 15.19 31.92 -5.51
CA SER A 114 14.36 32.79 -6.35
C SER A 114 13.37 33.49 -5.45
N THR A 115 13.52 34.81 -5.36
CA THR A 115 12.83 35.57 -4.35
C THR A 115 12.06 36.74 -4.98
N GLY A 116 11.29 37.45 -4.17
CA GLY A 116 10.56 38.61 -4.65
C GLY A 116 9.29 38.88 -3.87
N GLY A 117 8.54 39.88 -4.32
CA GLY A 117 7.27 40.25 -3.73
C GLY A 117 6.31 40.49 -4.86
N SER A 118 5.21 39.73 -4.87
CA SER A 118 4.29 39.76 -6.01
C SER A 118 3.28 40.89 -5.89
N GLY A 119 3.24 41.54 -4.73
CA GLY A 119 2.29 42.63 -4.47
C GLY A 119 1.08 42.15 -3.68
N GLY A 120 0.62 42.99 -2.75
CA GLY A 120 -0.51 42.65 -1.89
C GLY A 120 -0.23 41.57 -0.85
N GLU A 121 1.04 41.27 -0.63
CA GLU A 121 1.45 40.20 0.28
C GLU A 121 1.87 40.73 1.64
N ASP A 122 1.34 40.13 2.71
CA ASP A 122 1.76 40.49 4.06
C ASP A 122 3.04 39.78 4.47
N ARG A 123 3.32 38.65 3.83
CA ARG A 123 4.55 37.88 4.08
C ARG A 123 5.14 37.42 2.74
N LEU A 124 6.37 37.84 2.48
CA LEU A 124 7.04 37.49 1.22
C LEU A 124 7.60 36.07 1.27
N THR A 125 7.57 35.42 0.12
CA THR A 125 8.05 34.05 -0.01
C THR A 125 9.13 33.92 -1.07
N GLU A 126 9.86 32.82 -1.02
CA GLU A 126 10.91 32.53 -1.99
C GLU A 126 11.05 31.03 -2.20
N ASN A 127 11.60 30.66 -3.36
CA ASN A 127 11.84 29.26 -3.67
C ASN A 127 13.33 28.95 -3.61
N VAL A 128 13.65 27.84 -2.96
CA VAL A 128 15.03 27.39 -2.84
C VAL A 128 15.16 26.00 -3.45
N THR A 129 16.29 25.72 -4.10
CA THR A 129 16.55 24.36 -4.55
C THR A 129 17.86 23.82 -3.96
N LEU A 130 17.87 22.52 -3.67
CA LEU A 130 19.00 21.87 -3.03
C LEU A 130 19.52 20.73 -3.90
N ASN A 131 20.84 20.67 -4.05
CA ASN A 131 21.50 19.61 -4.77
C ASN A 131 22.33 18.84 -3.74
N PHE A 132 22.37 17.51 -3.84
CA PHE A 132 22.95 16.70 -2.74
C PHE A 132 23.57 15.39 -3.25
N ALA A 133 24.56 14.87 -2.52
CA ALA A 133 25.22 13.61 -2.87
C ALA A 133 24.42 12.37 -2.48
N GLN A 134 23.62 12.47 -1.44
CA GLN A 134 22.94 11.30 -0.86
C GLN A 134 21.59 11.68 -0.31
N VAL A 135 20.63 10.75 -0.40
CA VAL A 135 19.27 10.96 0.09
C VAL A 135 18.77 9.75 0.88
N GLN A 136 18.09 10.04 1.99
CA GLN A 136 17.38 9.04 2.77
C GLN A 136 15.92 9.48 2.86
N VAL A 137 15.00 8.54 2.68
CA VAL A 137 13.57 8.82 2.82
C VAL A 137 12.96 7.79 3.77
N ASP A 138 12.42 8.26 4.90
CA ASP A 138 11.79 7.36 5.89
C ASP A 138 10.32 7.70 5.99
N TYR A 139 9.48 6.70 5.74
CA TYR A 139 8.05 6.87 5.85
C TYR A 139 7.55 6.03 7.02
N GLN A 140 6.77 6.66 7.89
CA GLN A 140 6.25 6.00 9.07
C GLN A 140 4.76 5.67 8.91
N PRO A 141 4.42 4.39 8.69
CA PRO A 141 3.02 4.00 8.58
C PRO A 141 2.32 4.11 9.93
N GLN A 142 1.03 4.41 9.90
CA GLN A 142 0.24 4.59 11.10
C GLN A 142 -0.98 3.67 11.14
N LYS A 143 -1.38 3.31 12.35
CA LYS A 143 -2.63 2.59 12.60
C LYS A 143 -3.81 3.55 12.47
N ALA A 144 -5.02 2.98 12.49
CA ALA A 144 -6.27 3.72 12.36
C ALA A 144 -6.41 4.90 13.35
N ASP A 145 -5.91 4.71 14.56
CA ASP A 145 -6.02 5.74 15.62
C ASP A 145 -4.92 6.81 15.57
N GLY A 146 -3.95 6.64 14.68
CA GLY A 146 -2.86 7.59 14.55
C GLY A 146 -1.54 7.13 15.16
N ALA A 147 -1.59 6.04 15.91
CA ALA A 147 -0.39 5.42 16.48
C ALA A 147 0.47 4.82 15.37
N LYS A 148 1.77 4.66 15.65
CA LYS A 148 2.70 4.05 14.71
C LYS A 148 2.32 2.62 14.39
N ASP A 149 2.51 2.23 13.13
CA ASP A 149 2.27 0.86 12.71
C ASP A 149 3.60 0.28 12.23
N GLY A 150 4.27 -0.44 13.14
CA GLY A 150 5.58 -1.02 12.86
C GLY A 150 6.67 0.01 12.69
N GLY A 151 7.82 -0.43 12.17
CA GLY A 151 8.95 0.45 11.93
C GLY A 151 8.75 1.29 10.67
N PRO A 152 9.64 2.28 10.46
CA PRO A 152 9.54 3.05 9.22
C PRO A 152 9.97 2.26 7.99
N VAL A 153 9.38 2.61 6.85
CA VAL A 153 9.73 2.05 5.55
C VAL A 153 10.78 2.96 4.94
N LYS A 154 11.92 2.39 4.56
CA LYS A 154 13.12 3.21 4.31
C LYS A 154 13.67 3.08 2.90
N TYR A 155 14.17 4.19 2.37
CA TYR A 155 14.86 4.21 1.10
C TYR A 155 16.10 5.09 1.24
N GLY A 156 17.25 4.57 0.80
CA GLY A 156 18.51 5.29 0.87
C GLY A 156 19.30 5.11 -0.41
N TRP A 157 19.83 6.21 -0.94
CA TRP A 157 20.56 6.18 -2.20
C TRP A 157 21.74 7.14 -2.22
N ASN A 158 22.91 6.60 -2.53
CA ASN A 158 24.11 7.40 -2.71
C ASN A 158 24.22 7.75 -4.19
N ILE A 159 23.82 8.97 -4.54
CA ILE A 159 23.79 9.44 -5.93
C ILE A 159 25.20 9.54 -6.49
N ARG A 160 26.08 10.14 -5.70
CA ARG A 160 27.47 10.37 -6.09
C ARG A 160 28.14 9.07 -6.54
N GLN A 161 27.92 7.99 -5.78
CA GLN A 161 28.54 6.70 -6.08
C GLN A 161 27.61 5.68 -6.74
N ASN A 162 26.36 6.09 -6.99
CA ASN A 162 25.37 5.26 -7.70
C ASN A 162 25.08 3.89 -7.08
N VAL A 163 24.93 3.87 -5.75
CA VAL A 163 24.57 2.65 -5.01
C VAL A 163 23.63 2.97 -3.87
N GLN A 164 22.92 1.97 -3.37
CA GLN A 164 22.02 2.17 -2.23
C GLN A 164 22.77 2.53 -0.96
N ALA A 165 22.07 3.24 -0.06
CA ALA A 165 22.67 3.71 1.18
C ALA A 165 22.15 2.89 2.36
N ALA B 5 -0.58 -27.25 1.24
CA ALA B 5 -1.48 -27.04 2.43
C ALA B 5 -1.75 -25.55 2.65
N VAL B 6 -3.03 -25.21 2.80
CA VAL B 6 -3.40 -23.86 3.19
C VAL B 6 -2.81 -23.51 4.56
N ASP B 7 -2.51 -22.23 4.77
CA ASP B 7 -2.07 -21.72 6.07
C ASP B 7 -3.24 -21.10 6.80
N PHE B 9 -4.77 -19.17 10.55
CA PHE B 9 -4.43 -18.34 11.69
C PHE B 9 -5.70 -17.87 12.36
N ILE B 10 -5.62 -17.60 13.66
CA ILE B 10 -6.73 -16.98 14.37
C ILE B 10 -6.22 -15.91 15.32
N LYS B 11 -6.84 -14.74 15.23
CA LYS B 11 -6.58 -13.67 16.20
C LYS B 11 -7.79 -13.58 17.10
N ILE B 12 -7.58 -13.68 18.41
CA ILE B 12 -8.66 -13.60 19.37
C ILE B 12 -8.39 -12.40 20.26
N GLY B 13 -9.28 -11.42 20.20
CA GLY B 13 -9.12 -10.18 20.98
C GLY B 13 -7.72 -9.65 20.75
N ASP B 14 -7.03 -9.32 21.84
CA ASP B 14 -5.65 -8.90 21.74
C ASP B 14 -4.67 -9.92 22.34
N VAL B 15 -5.15 -11.16 22.46
CA VAL B 15 -4.34 -12.27 22.94
C VAL B 15 -3.25 -12.58 21.90
N LYS B 16 -2.03 -12.74 22.39
CA LYS B 16 -0.91 -13.09 21.53
C LYS B 16 -0.63 -14.58 21.54
N GLY B 17 -0.49 -15.14 20.34
CA GLY B 17 0.01 -16.50 20.15
C GLY B 17 1.45 -16.44 19.67
N GLU B 18 1.94 -17.54 19.10
CA GLU B 18 3.35 -17.65 18.73
C GLU B 18 3.63 -17.75 17.22
N SER B 19 2.65 -17.42 16.39
CA SER B 19 2.84 -17.53 14.94
C SER B 19 4.05 -16.73 14.47
N LYS B 20 4.87 -17.38 13.64
CA LYS B 20 6.06 -16.75 13.06
C LYS B 20 5.75 -16.13 11.69
N ASP B 21 4.50 -16.25 11.26
CA ASP B 21 4.09 -15.75 9.94
C ASP B 21 4.38 -14.27 9.79
N LYS B 22 4.86 -13.90 8.61
CA LYS B 22 5.25 -12.51 8.35
C LYS B 22 4.07 -11.54 8.46
N THR B 23 2.88 -11.94 8.01
CA THR B 23 1.71 -11.06 8.10
C THR B 23 0.80 -11.34 9.31
N HIS B 24 0.88 -12.54 9.86
CA HIS B 24 0.05 -12.91 11.02
C HIS B 24 0.91 -13.17 12.27
N ALA B 25 2.05 -12.49 12.36
CA ALA B 25 2.95 -12.60 13.51
C ALA B 25 2.19 -12.44 14.82
N GLU B 26 2.44 -13.36 15.76
CA GLU B 26 1.86 -13.30 17.11
C GLU B 26 0.36 -13.57 17.17
N GLU B 27 -0.19 -14.08 16.07
CA GLU B 27 -1.52 -14.66 16.11
C GLU B 27 -1.31 -16.10 16.53
N ILE B 28 -2.38 -16.88 16.54
CA ILE B 28 -2.34 -18.28 16.89
C ILE B 28 -2.34 -19.10 15.61
N ASP B 29 -1.36 -20.00 15.47
CA ASP B 29 -1.36 -20.95 14.37
C ASP B 29 -2.47 -21.98 14.56
N VAL B 30 -3.22 -22.21 13.50
CA VAL B 30 -4.38 -23.10 13.52
C VAL B 30 -4.04 -24.34 12.70
N LEU B 31 -4.25 -25.51 13.29
CA LEU B 31 -3.93 -26.79 12.66
C LEU B 31 -5.13 -27.43 11.97
N ALA B 32 -6.32 -27.12 12.46
CA ALA B 32 -7.57 -27.65 11.96
C ALA B 32 -8.69 -26.82 12.55
N TRP B 33 -9.85 -26.84 11.90
CA TRP B 33 -11.04 -26.17 12.42
C TRP B 33 -12.29 -26.83 11.85
N SER B 34 -13.41 -26.63 12.53
CA SER B 34 -14.69 -27.10 12.03
C SER B 34 -15.78 -26.19 12.58
N TRP B 35 -16.88 -26.11 11.84
CA TRP B 35 -17.98 -25.23 12.17
C TRP B 35 -19.20 -25.68 11.36
N GLY B 36 -20.38 -25.29 11.82
CA GLY B 36 -21.59 -25.73 11.16
C GLY B 36 -22.81 -25.00 11.62
N SER B 38 -27.46 -25.49 11.14
CA SER B 38 -28.55 -26.29 10.63
C SER B 38 -29.84 -25.49 10.78
N GLN B 39 -30.83 -25.84 9.98
CA GLN B 39 -32.09 -25.10 9.87
C GLN B 39 -33.21 -26.09 10.12
N SER B 40 -34.10 -25.76 11.06
CA SER B 40 -35.18 -26.68 11.46
C SER B 40 -36.41 -26.62 10.56
N GLY B 41 -36.44 -25.66 9.65
CA GLY B 41 -37.55 -25.50 8.71
C GLY B 41 -37.75 -26.73 7.83
N SER B 42 -38.96 -26.88 7.29
CA SER B 42 -39.28 -28.02 6.45
C SER B 42 -40.17 -27.62 5.28
N HIS B 44 -41.91 -29.86 3.69
CA HIS B 44 -42.93 -30.90 3.64
C HIS B 44 -44.27 -30.43 4.22
N ALA B 51 -42.56 -21.88 10.33
CA ALA B 51 -41.25 -22.09 9.73
C ALA B 51 -40.27 -22.70 10.75
N GLY B 52 -38.98 -22.45 10.55
CA GLY B 52 -37.97 -22.92 11.48
C GLY B 52 -37.02 -21.83 11.94
N LYS B 53 -35.89 -22.25 12.49
CA LYS B 53 -34.86 -21.33 12.97
C LYS B 53 -33.50 -21.96 12.73
N VAL B 54 -32.49 -21.12 12.51
CA VAL B 54 -31.13 -21.61 12.35
C VAL B 54 -30.53 -21.90 13.74
N ASN B 55 -29.76 -22.97 13.83
CA ASN B 55 -28.89 -23.18 14.99
C ASN B 55 -27.46 -23.11 14.51
N VAL B 56 -26.71 -22.15 15.04
CA VAL B 56 -25.31 -21.97 14.65
C VAL B 56 -24.44 -22.61 15.73
N GLN B 57 -23.53 -23.47 15.29
CA GLN B 57 -22.64 -24.17 16.20
C GLN B 57 -21.54 -23.24 16.67
N ASP B 58 -20.90 -23.61 17.77
CA ASP B 58 -19.65 -22.96 18.16
C ASP B 58 -18.61 -23.29 17.10
N LEU B 59 -17.58 -22.47 16.99
CA LEU B 59 -16.46 -22.81 16.10
C LEU B 59 -15.39 -23.54 16.89
N SER B 60 -14.94 -24.68 16.36
CA SER B 60 -13.85 -25.46 16.95
C SER B 60 -12.58 -25.24 16.15
N PHE B 61 -11.45 -25.13 16.84
CA PHE B 61 -10.15 -25.15 16.17
C PHE B 61 -9.10 -25.85 17.02
N THR B 62 -8.08 -26.37 16.34
CA THR B 62 -6.94 -27.00 16.97
C THR B 62 -5.72 -26.09 16.83
N LYS B 63 -4.96 -25.99 17.92
CA LYS B 63 -3.77 -25.14 17.99
C LYS B 63 -2.70 -25.92 18.75
N TYR B 64 -1.45 -25.48 18.67
CA TYR B 64 -0.40 -25.96 19.57
C TYR B 64 -0.60 -25.30 20.92
N ILE B 65 -0.24 -26.00 22.01
CA ILE B 65 -0.12 -25.34 23.31
C ILE B 65 0.90 -24.22 23.15
N ASP B 66 0.50 -22.99 23.49
CA ASP B 66 1.39 -21.84 23.31
C ASP B 66 1.10 -20.72 24.34
N LYS B 67 1.70 -19.56 24.15
CA LYS B 67 1.55 -18.49 25.15
C LYS B 67 0.11 -17.95 25.31
N SER B 68 -0.77 -18.25 24.36
CA SER B 68 -2.19 -17.89 24.48
C SER B 68 -2.96 -18.83 25.41
N THR B 69 -2.45 -20.05 25.58
CA THR B 69 -3.15 -21.10 26.34
C THR B 69 -3.71 -20.65 27.71
N PRO B 70 -2.86 -20.11 28.61
CA PRO B 70 -3.37 -19.66 29.91
C PRO B 70 -4.43 -18.56 29.79
N ASN B 71 -4.28 -17.67 28.82
CA ASN B 71 -5.24 -16.59 28.60
C ASN B 71 -6.61 -17.10 28.12
N LEU B 72 -6.60 -18.09 27.22
CA LEU B 72 -7.83 -18.74 26.80
C LEU B 72 -8.50 -19.52 27.94
N ALA B 75 -10.15 -16.88 30.15
CA ALA B 75 -11.37 -16.42 29.48
C ALA B 75 -12.48 -17.44 29.64
N CYS B 76 -12.15 -18.71 29.44
CA CYS B 76 -13.15 -19.78 29.59
C CYS B 76 -13.71 -19.78 31.02
N SER B 77 -12.81 -19.73 32.00
CA SER B 77 -13.18 -19.76 33.42
C SER B 77 -13.98 -18.55 33.88
N SER B 78 -13.55 -17.36 33.48
CA SER B 78 -14.16 -16.11 33.96
C SER B 78 -15.44 -15.83 33.17
N GLY B 79 -15.52 -16.42 31.97
CA GLY B 79 -16.64 -16.19 31.07
C GLY B 79 -16.61 -14.81 30.44
N LYS B 80 -15.45 -14.18 30.44
CA LYS B 80 -15.33 -12.85 29.84
C LYS B 80 -15.19 -12.94 28.33
N HIS B 81 -15.80 -12.02 27.61
CA HIS B 81 -15.77 -12.13 26.15
C HIS B 81 -14.84 -11.14 25.47
N TYR B 82 -14.39 -11.53 24.28
CA TYR B 82 -13.58 -10.66 23.44
C TYR B 82 -14.49 -9.96 22.43
N PRO B 83 -14.16 -8.70 22.07
CA PRO B 83 -14.95 -7.99 21.07
C PRO B 83 -14.98 -8.72 19.73
N GLN B 84 -13.85 -9.26 19.31
CA GLN B 84 -13.75 -9.91 18.01
C GLN B 84 -12.75 -11.07 18.00
N ALA B 85 -13.01 -12.05 17.12
CA ALA B 85 -12.01 -13.04 16.74
C ALA B 85 -12.02 -13.18 15.23
N LYS B 86 -10.86 -13.48 14.64
CA LYS B 86 -10.79 -13.59 13.20
C LYS B 86 -9.96 -14.80 12.77
N LEU B 87 -10.61 -15.73 12.08
CA LEU B 87 -9.95 -16.89 11.51
C LEU B 87 -9.61 -16.63 10.04
N THR B 88 -8.35 -16.74 9.70
CA THR B 88 -7.85 -16.51 8.33
C THR B 88 -7.31 -17.79 7.71
N ILE B 89 -7.88 -18.17 6.56
CA ILE B 89 -7.43 -19.30 5.77
C ILE B 89 -6.81 -18.77 4.48
N ARG B 90 -5.56 -19.11 4.23
CA ARG B 90 -4.80 -18.58 3.11
C ARG B 90 -4.28 -19.69 2.22
N LYS B 91 -4.34 -19.49 0.91
CA LYS B 91 -3.80 -20.44 -0.07
C LYS B 91 -2.32 -20.70 0.20
N ALA B 92 -1.88 -21.91 -0.11
CA ALA B 92 -0.47 -22.31 0.08
C ALA B 92 0.49 -21.43 -0.70
N GLY B 93 1.63 -21.12 -0.10
CA GLY B 93 2.69 -20.41 -0.79
C GLY B 93 3.25 -19.20 -0.09
N GLY B 94 2.61 -18.80 1.01
CA GLY B 94 3.16 -17.71 1.84
C GLY B 94 2.33 -16.45 1.91
N GLU B 95 2.89 -15.44 2.55
CA GLU B 95 2.16 -14.23 2.98
C GLU B 95 1.59 -13.37 1.84
N ASN B 96 2.01 -13.62 0.61
CA ASN B 96 1.50 -12.84 -0.51
C ASN B 96 0.37 -13.54 -1.26
N GLN B 97 0.09 -14.78 -0.88
CA GLN B 97 -1.04 -15.54 -1.43
C GLN B 97 -2.38 -15.01 -0.92
N VAL B 98 -3.45 -15.41 -1.58
CA VAL B 98 -4.80 -14.92 -1.27
C VAL B 98 -5.37 -15.55 0.02
N GLU B 99 -5.80 -14.68 0.93
CA GLU B 99 -6.57 -15.07 2.13
C GLU B 99 -8.02 -15.29 1.68
N TYR B 100 -8.29 -16.50 1.22
CA TYR B 100 -9.51 -16.74 0.46
C TYR B 100 -10.71 -17.04 1.34
N LEU B 101 -10.50 -17.36 2.61
CA LEU B 101 -11.61 -17.54 3.55
C LEU B 101 -11.32 -16.87 4.88
N ILE B 102 -12.17 -15.92 5.26
CA ILE B 102 -11.97 -15.18 6.48
C ILE B 102 -13.28 -15.20 7.26
N ILE B 103 -13.21 -15.68 8.49
CA ILE B 103 -14.38 -15.76 9.36
C ILE B 103 -14.18 -14.83 10.57
N THR B 104 -15.06 -13.84 10.70
CA THR B 104 -14.93 -12.83 11.75
C THR B 104 -16.09 -13.04 12.70
N LEU B 105 -15.76 -13.24 13.97
CA LEU B 105 -16.72 -13.46 15.04
C LEU B 105 -16.74 -12.25 15.97
N LYS B 106 -17.93 -11.82 16.37
CA LYS B 106 -18.06 -10.66 17.26
C LYS B 106 -18.72 -11.07 18.57
N GLU B 107 -18.18 -10.54 19.68
CA GLU B 107 -18.60 -10.87 21.05
C GLU B 107 -18.37 -12.35 21.34
N VAL B 108 -17.11 -12.68 21.63
CA VAL B 108 -16.63 -14.05 21.56
C VAL B 108 -16.26 -14.63 22.91
N LEU B 109 -16.93 -15.73 23.27
CA LEU B 109 -16.63 -16.46 24.51
C LEU B 109 -15.80 -17.68 24.19
N VAL B 110 -14.83 -18.00 25.04
CA VAL B 110 -14.16 -19.30 24.96
C VAL B 110 -15.04 -20.34 25.68
N SER B 111 -15.72 -21.17 24.90
CA SER B 111 -16.67 -22.14 25.47
C SER B 111 -16.02 -23.44 25.96
N SER B 112 -14.82 -23.78 25.47
CA SER B 112 -14.10 -24.92 26.02
C SER B 112 -12.62 -24.91 25.62
N VAL B 113 -11.80 -25.58 26.42
CA VAL B 113 -10.38 -25.84 26.10
C VAL B 113 -10.13 -27.30 26.48
N SER B 114 -9.61 -28.08 25.54
CA SER B 114 -9.34 -29.48 25.82
C SER B 114 -7.91 -29.74 25.43
N THR B 115 -7.09 -30.06 26.41
CA THR B 115 -5.66 -30.06 26.20
C THR B 115 -5.04 -31.38 26.64
N GLY B 116 -3.75 -31.54 26.37
CA GLY B 116 -3.04 -32.72 26.85
C GLY B 116 -1.91 -33.09 25.92
N GLY B 117 -1.35 -34.28 26.13
CA GLY B 117 -0.27 -34.77 25.29
C GLY B 117 0.03 -36.23 25.49
N SER B 118 0.79 -36.79 24.54
CA SER B 118 1.47 -38.08 24.70
C SER B 118 2.97 -37.89 24.69
N GLY B 119 3.69 -38.89 25.18
CA GLY B 119 5.14 -38.86 25.30
C GLY B 119 5.87 -39.31 24.04
N GLY B 120 5.17 -39.22 22.90
CA GLY B 120 5.79 -39.37 21.59
C GLY B 120 5.81 -38.04 20.86
N GLU B 121 4.88 -37.16 21.23
CA GLU B 121 4.71 -35.86 20.59
C GLU B 121 5.83 -34.88 20.93
N ASP B 122 6.34 -34.19 19.90
CA ASP B 122 7.33 -33.14 20.09
C ASP B 122 6.69 -31.76 20.27
N ARG B 123 5.47 -31.59 19.73
CA ARG B 123 4.67 -30.38 19.96
C ARG B 123 3.23 -30.74 20.36
N LEU B 124 2.86 -30.40 21.59
CA LEU B 124 1.54 -30.75 22.12
C LEU B 124 0.47 -29.84 21.54
N THR B 125 -0.72 -30.39 21.36
CA THR B 125 -1.82 -29.66 20.74
C THR B 125 -3.05 -29.63 21.63
N GLU B 126 -3.95 -28.69 21.36
CA GLU B 126 -5.19 -28.59 22.12
C GLU B 126 -6.32 -28.07 21.25
N ASN B 127 -7.55 -28.35 21.69
CA ASN B 127 -8.74 -27.92 20.98
C ASN B 127 -9.47 -26.86 21.78
N VAL B 128 -9.88 -25.80 21.08
CA VAL B 128 -10.60 -24.69 21.67
C VAL B 128 -11.91 -24.55 20.91
N THR B 129 -12.99 -24.22 21.61
CA THR B 129 -14.27 -23.89 20.95
C THR B 129 -14.68 -22.46 21.30
N LEU B 130 -15.30 -21.77 20.36
CA LEU B 130 -15.67 -20.36 20.54
C LEU B 130 -17.15 -20.16 20.33
N ASN B 131 -17.80 -19.45 21.24
CA ASN B 131 -19.22 -19.10 21.14
C ASN B 131 -19.28 -17.60 20.84
N PHE B 132 -20.18 -17.19 19.95
CA PHE B 132 -20.20 -15.78 19.50
C PHE B 132 -21.61 -15.26 19.21
N ALA B 133 -21.78 -13.95 19.33
CA ALA B 133 -23.07 -13.29 19.05
C ALA B 133 -23.33 -13.08 17.55
N GLN B 134 -22.27 -12.83 16.78
CA GLN B 134 -22.38 -12.51 15.36
C GLN B 134 -21.24 -13.13 14.57
N VAL B 135 -21.52 -13.41 13.31
CA VAL B 135 -20.51 -14.05 12.45
C VAL B 135 -20.54 -13.47 11.04
N GLN B 136 -19.35 -13.27 10.47
CA GLN B 136 -19.25 -12.89 9.07
C GLN B 136 -18.29 -13.86 8.38
N VAL B 137 -18.66 -14.29 7.18
CA VAL B 137 -17.79 -15.14 6.35
C VAL B 137 -17.56 -14.47 5.00
N ASP B 138 -16.29 -14.28 4.66
CA ASP B 138 -15.90 -13.65 3.41
C ASP B 138 -15.09 -14.65 2.61
N TYR B 139 -15.63 -15.07 1.46
CA TYR B 139 -14.90 -15.95 0.54
C TYR B 139 -14.44 -15.15 -0.66
N GLN B 140 -13.14 -15.21 -0.95
CA GLN B 140 -12.56 -14.55 -2.11
C GLN B 140 -12.30 -15.52 -3.28
N PRO B 141 -13.13 -15.45 -4.34
CA PRO B 141 -12.90 -16.34 -5.48
C PRO B 141 -11.66 -15.92 -6.27
N GLN B 142 -11.09 -16.87 -7.00
CA GLN B 142 -9.87 -16.66 -7.79
C GLN B 142 -10.01 -17.16 -9.21
N LYS B 143 -9.27 -16.52 -10.11
CA LYS B 143 -9.18 -16.94 -11.49
C LYS B 143 -8.16 -18.07 -11.57
N ALA B 144 -8.10 -18.73 -12.72
CA ALA B 144 -7.22 -19.90 -12.91
C ALA B 144 -5.74 -19.58 -12.65
N ASP B 145 -5.34 -18.34 -12.94
CA ASP B 145 -3.97 -17.90 -12.70
C ASP B 145 -3.71 -17.45 -11.26
N GLY B 146 -4.73 -17.51 -10.42
CA GLY B 146 -4.59 -17.18 -9.00
C GLY B 146 -4.97 -15.75 -8.65
N ALA B 147 -5.24 -14.93 -9.66
CA ALA B 147 -5.72 -13.57 -9.43
C ALA B 147 -7.10 -13.60 -8.79
N LYS B 148 -7.36 -12.62 -7.93
CA LYS B 148 -8.70 -12.44 -7.36
C LYS B 148 -9.71 -12.28 -8.49
N ASP B 149 -10.80 -13.03 -8.38
CA ASP B 149 -11.92 -12.94 -9.32
C ASP B 149 -13.05 -12.09 -8.70
N GLY B 150 -13.07 -10.82 -9.05
CA GLY B 150 -13.98 -9.87 -8.41
C GLY B 150 -13.72 -9.78 -6.91
N GLY B 151 -14.74 -9.36 -6.17
CA GLY B 151 -14.61 -9.16 -4.72
C GLY B 151 -15.09 -10.32 -3.87
N PRO B 152 -14.88 -10.24 -2.55
CA PRO B 152 -15.28 -11.36 -1.70
C PRO B 152 -16.80 -11.50 -1.64
N VAL B 153 -17.26 -12.74 -1.56
CA VAL B 153 -18.67 -13.09 -1.39
C VAL B 153 -18.94 -13.19 0.12
N LYS B 154 -19.92 -12.44 0.59
CA LYS B 154 -20.14 -12.24 2.03
C LYS B 154 -21.40 -12.93 2.56
N TYR B 155 -21.29 -13.51 3.75
CA TYR B 155 -22.43 -13.97 4.55
C TYR B 155 -22.26 -13.33 5.91
N GLY B 156 -23.33 -12.76 6.44
CA GLY B 156 -23.29 -12.13 7.76
C GLY B 156 -24.57 -12.43 8.51
N TRP B 157 -24.43 -12.84 9.76
CA TRP B 157 -25.56 -13.20 10.59
C TRP B 157 -25.38 -12.73 12.02
N ASN B 158 -26.42 -12.09 12.55
CA ASN B 158 -26.47 -11.73 13.95
C ASN B 158 -27.24 -12.83 14.68
N ILE B 159 -26.51 -13.75 15.32
CA ILE B 159 -27.11 -14.92 15.96
C ILE B 159 -28.02 -14.51 17.12
N ARG B 160 -27.51 -13.61 17.96
CA ARG B 160 -28.23 -13.12 19.13
C ARG B 160 -29.62 -12.64 18.75
N GLN B 161 -29.73 -11.82 17.70
CA GLN B 161 -31.02 -11.23 17.29
C GLN B 161 -31.71 -11.98 16.16
N ASN B 162 -31.05 -13.01 15.62
CA ASN B 162 -31.64 -13.87 14.57
C ASN B 162 -31.99 -13.10 13.29
N VAL B 163 -31.10 -12.21 12.89
CA VAL B 163 -31.25 -11.44 11.65
C VAL B 163 -29.94 -11.37 10.88
N GLN B 164 -30.05 -11.08 9.58
CA GLN B 164 -28.91 -10.81 8.70
C GLN B 164 -28.02 -9.67 9.22
N ALA B 165 -26.72 -9.83 9.00
CA ALA B 165 -25.72 -8.82 9.32
C ALA B 165 -24.74 -8.68 8.17
N ALA C 5 -18.41 7.74 -8.92
CA ALA C 5 -17.02 7.64 -9.47
C ALA C 5 -16.49 6.20 -9.39
N VAL C 6 -15.85 5.74 -10.47
CA VAL C 6 -15.24 4.42 -10.47
C VAL C 6 -14.15 4.32 -9.37
N ASP C 7 -13.93 3.11 -8.86
CA ASP C 7 -12.86 2.85 -7.89
C ASP C 7 -11.65 2.26 -8.61
N PHE C 9 -7.45 0.94 -8.45
CA PHE C 9 -6.42 0.37 -7.60
C PHE C 9 -5.27 -0.14 -8.46
N ILE C 10 -4.06 -0.11 -7.90
CA ILE C 10 -2.93 -0.74 -8.58
C ILE C 10 -2.11 -1.59 -7.62
N LYS C 11 -1.84 -2.83 -8.02
CA LYS C 11 -0.94 -3.72 -7.30
C LYS C 11 0.39 -3.82 -8.05
N ILE C 12 1.50 -3.49 -7.40
CA ILE C 12 2.82 -3.53 -8.04
C ILE C 12 3.68 -4.55 -7.30
N GLY C 13 4.04 -5.63 -7.98
CA GLY C 13 4.76 -6.74 -7.34
C GLY C 13 4.10 -7.17 -6.05
N ASP C 14 4.89 -7.31 -5.00
CA ASP C 14 4.34 -7.58 -3.67
C ASP C 14 4.49 -6.37 -2.74
N VAL C 15 4.64 -5.19 -3.34
CA VAL C 15 4.70 -3.93 -2.61
C VAL C 15 3.35 -3.62 -1.97
N LYS C 16 3.38 -3.24 -0.69
CA LYS C 16 2.16 -2.91 0.04
C LYS C 16 1.92 -1.41 0.04
N GLY C 17 0.72 -1.03 -0.39
CA GLY C 17 0.20 0.33 -0.24
C GLY C 17 -0.79 0.37 0.90
N GLU C 18 -1.54 1.47 1.01
CA GLU C 18 -2.44 1.67 2.15
C GLU C 18 -3.93 1.68 1.82
N SER C 19 -4.31 1.11 0.67
CA SER C 19 -5.75 0.96 0.36
C SER C 19 -6.49 0.21 1.47
N LYS C 20 -7.67 0.72 1.81
CA LYS C 20 -8.53 0.04 2.77
C LYS C 20 -9.72 -0.64 2.09
N ASP C 21 -9.67 -0.75 0.76
CA ASP C 21 -10.73 -1.42 0.01
C ASP C 21 -10.89 -2.87 0.46
N LYS C 22 -12.13 -3.35 0.51
CA LYS C 22 -12.36 -4.72 0.97
C LYS C 22 -11.66 -5.77 0.09
N THR C 23 -11.66 -5.57 -1.23
CA THR C 23 -11.00 -6.50 -2.15
C THR C 23 -9.52 -6.19 -2.29
N HIS C 24 -9.21 -4.91 -2.48
CA HIS C 24 -7.86 -4.49 -2.81
C HIS C 24 -7.10 -3.86 -1.64
N ALA C 25 -7.44 -4.27 -0.42
CA ALA C 25 -6.69 -3.85 0.77
C ALA C 25 -5.17 -4.06 0.56
N GLU C 26 -4.38 -3.08 0.97
CA GLU C 26 -2.89 -3.11 0.89
C GLU C 26 -2.35 -2.97 -0.54
N GLU C 27 -3.23 -2.68 -1.49
CA GLU C 27 -2.80 -2.23 -2.80
C GLU C 27 -2.64 -0.71 -2.70
N ILE C 28 -2.42 -0.05 -3.83
CA ILE C 28 -2.30 1.41 -3.86
C ILE C 28 -3.58 1.98 -4.42
N ASP C 29 -4.16 2.96 -3.74
CA ASP C 29 -5.26 3.73 -4.28
C ASP C 29 -4.82 4.62 -5.44
N VAL C 30 -5.49 4.48 -6.58
CA VAL C 30 -5.18 5.26 -7.77
C VAL C 30 -6.15 6.45 -7.88
N LEU C 31 -5.60 7.65 -7.95
CA LEU C 31 -6.41 8.86 -8.03
C LEU C 31 -6.69 9.32 -9.46
N ALA C 32 -5.76 9.00 -10.35
CA ALA C 32 -5.83 9.33 -11.77
C ALA C 32 -4.82 8.43 -12.46
N TRP C 33 -5.05 8.16 -13.75
CA TRP C 33 -4.06 7.40 -14.55
C TRP C 33 -4.16 7.78 -16.03
N SER C 34 -3.09 7.53 -16.78
CA SER C 34 -3.13 7.77 -18.20
C SER C 34 -2.17 6.82 -18.91
N TRP C 35 -2.53 6.48 -20.13
CA TRP C 35 -1.77 5.53 -20.90
C TRP C 35 -2.15 5.66 -22.37
N GLY C 36 -1.27 5.22 -23.26
CA GLY C 36 -1.54 5.39 -24.67
C GLY C 36 -0.58 4.64 -25.55
N SER C 38 0.59 4.52 -30.07
CA SER C 38 0.40 5.09 -31.38
C SER C 38 1.09 4.22 -32.42
N GLN C 39 0.66 4.37 -33.66
CA GLN C 39 1.07 3.52 -34.77
C GLN C 39 1.58 4.45 -35.85
N SER C 40 2.80 4.21 -36.32
CA SER C 40 3.44 5.05 -37.33
C SER C 40 3.10 4.63 -38.77
N GLY C 41 2.38 3.52 -38.92
CA GLY C 41 1.93 3.07 -40.24
C GLY C 41 1.10 4.14 -40.93
N SER C 42 1.01 4.07 -42.25
CA SER C 42 0.26 5.06 -43.03
C SER C 42 -0.53 4.40 -44.14
N HIS C 44 -1.59 6.16 -46.64
CA HIS C 44 -1.40 7.05 -47.79
C HIS C 44 -0.34 6.55 -48.79
N GLY C 46 -0.04 2.81 -49.86
CA GLY C 46 -0.64 1.76 -50.69
C GLY C 46 0.34 0.81 -51.36
N GLY C 47 -0.19 -0.10 -52.16
CA GLY C 47 0.62 -1.12 -52.85
C GLY C 47 1.17 -2.21 -51.95
N GLY C 48 0.74 -2.19 -50.69
CA GLY C 48 1.25 -3.11 -49.68
C GLY C 48 2.33 -2.48 -48.81
N GLY C 49 2.66 -1.22 -49.11
CA GLY C 49 3.70 -0.49 -48.39
C GLY C 49 3.19 0.47 -47.32
N GLY C 50 4.12 1.18 -46.68
CA GLY C 50 3.78 2.14 -45.64
C GLY C 50 3.53 1.52 -44.28
N ALA C 51 4.06 0.31 -44.08
CA ALA C 51 4.01 -0.39 -42.79
C ALA C 51 4.76 0.40 -41.72
N GLY C 52 4.28 0.29 -40.48
CA GLY C 52 4.89 0.98 -39.36
C GLY C 52 5.07 0.08 -38.15
N LYS C 53 5.27 0.72 -37.01
CA LYS C 53 5.45 0.02 -35.74
C LYS C 53 4.57 0.68 -34.70
N VAL C 54 4.19 -0.08 -33.68
CA VAL C 54 3.49 0.50 -32.53
C VAL C 54 4.53 1.08 -31.55
N ASN C 55 4.16 2.18 -30.91
CA ASN C 55 4.91 2.70 -29.78
C ASN C 55 3.97 2.73 -28.59
N VAL C 56 4.29 1.93 -27.58
CA VAL C 56 3.46 1.83 -26.38
C VAL C 56 4.07 2.71 -25.30
N GLN C 57 3.25 3.61 -24.75
CA GLN C 57 3.76 4.55 -23.75
C GLN C 57 3.87 3.87 -22.37
N ASP C 58 4.69 4.45 -21.50
CA ASP C 58 4.66 4.09 -20.08
C ASP C 58 3.26 4.36 -19.53
N LEU C 59 2.89 3.67 -18.46
CA LEU C 59 1.63 3.97 -17.79
C LEU C 59 1.91 4.93 -16.64
N SER C 60 1.15 6.03 -16.59
CA SER C 60 1.23 7.06 -15.52
C SER C 60 0.06 6.94 -14.58
N PHE C 61 0.32 7.04 -13.27
CA PHE C 61 -0.77 7.11 -12.30
C PHE C 61 -0.41 8.02 -11.13
N THR C 62 -1.45 8.51 -10.47
CA THR C 62 -1.33 9.38 -9.31
C THR C 62 -1.82 8.62 -8.08
N LYS C 63 -1.08 8.77 -6.99
CA LYS C 63 -1.35 8.07 -5.74
C LYS C 63 -1.12 9.04 -4.58
N TYR C 64 -1.63 8.68 -3.41
CA TYR C 64 -1.27 9.38 -2.20
C TYR C 64 0.13 8.90 -1.83
N ILE C 65 0.94 9.78 -1.26
CA ILE C 65 2.19 9.36 -0.62
C ILE C 65 1.76 8.37 0.46
N ASP C 66 2.35 7.18 0.44
CA ASP C 66 1.98 6.16 1.41
C ASP C 66 3.18 5.23 1.66
N LYS C 67 2.93 4.12 2.37
CA LYS C 67 4.03 3.22 2.72
C LYS C 67 4.71 2.53 1.54
N SER C 68 4.10 2.57 0.36
CA SER C 68 4.73 2.01 -0.84
C SER C 68 5.80 2.96 -1.41
N THR C 69 5.70 4.25 -1.06
CA THR C 69 6.57 5.30 -1.65
C THR C 69 8.08 5.00 -1.62
N PRO C 70 8.65 4.68 -0.44
CA PRO C 70 10.10 4.43 -0.46
C PRO C 70 10.49 3.22 -1.29
N ASN C 71 9.64 2.20 -1.32
CA ASN C 71 9.90 1.00 -2.12
C ASN C 71 9.88 1.30 -3.62
N LEU C 72 8.92 2.11 -4.04
CA LEU C 72 8.85 2.57 -5.43
C LEU C 72 10.07 3.41 -5.79
N ALA C 75 13.04 0.95 -6.27
CA ALA C 75 12.90 0.27 -7.56
C ALA C 75 13.32 1.18 -8.71
N CYS C 76 12.85 2.43 -8.67
CA CYS C 76 13.24 3.42 -9.66
C CYS C 76 14.76 3.62 -9.67
N SER C 77 15.36 3.78 -8.50
CA SER C 77 16.81 4.02 -8.38
C SER C 77 17.65 2.81 -8.77
N SER C 78 17.24 1.61 -8.34
CA SER C 78 18.01 0.41 -8.59
C SER C 78 17.84 -0.12 -10.02
N GLY C 79 16.70 0.18 -10.64
CA GLY C 79 16.38 -0.36 -11.95
C GLY C 79 15.88 -1.79 -11.91
N LYS C 80 15.53 -2.26 -10.72
CA LYS C 80 15.04 -3.63 -10.54
C LYS C 80 13.57 -3.72 -10.88
N HIS C 81 13.20 -4.72 -11.68
CA HIS C 81 11.81 -4.86 -12.16
C HIS C 81 10.99 -5.83 -11.33
N TYR C 82 9.69 -5.60 -11.35
CA TYR C 82 8.72 -6.46 -10.67
C TYR C 82 8.13 -7.42 -11.69
N PRO C 83 7.78 -8.65 -11.27
CA PRO C 83 7.19 -9.59 -12.23
C PRO C 83 5.92 -9.07 -12.91
N GLN C 84 5.06 -8.39 -12.13
CA GLN C 84 3.74 -7.99 -12.60
C GLN C 84 3.25 -6.76 -11.85
N ALA C 85 2.43 -5.96 -12.53
CA ALA C 85 1.60 -4.95 -11.90
C ALA C 85 0.20 -5.08 -12.49
N LYS C 86 -0.82 -4.72 -11.71
CA LYS C 86 -2.20 -4.80 -12.18
C LYS C 86 -3.02 -3.60 -11.73
N LEU C 87 -3.54 -2.88 -12.72
CA LEU C 87 -4.44 -1.76 -12.47
C LEU C 87 -5.86 -2.27 -12.64
N THR C 88 -6.67 -2.08 -11.60
CA THR C 88 -8.07 -2.49 -11.63
C THR C 88 -9.00 -1.28 -11.56
N ILE C 89 -9.93 -1.19 -12.50
CA ILE C 89 -10.98 -0.17 -12.48
C ILE C 89 -12.32 -0.84 -12.21
N ARG C 90 -13.02 -0.39 -11.17
CA ARG C 90 -14.26 -1.02 -10.75
C ARG C 90 -15.41 -0.01 -10.79
N LYS C 91 -16.56 -0.42 -11.32
CA LYS C 91 -17.74 0.44 -11.30
C LYS C 91 -18.05 0.86 -9.86
N ALA C 92 -18.58 2.08 -9.70
CA ALA C 92 -18.93 2.62 -8.38
C ALA C 92 -19.93 1.72 -7.66
N GLY C 93 -19.82 1.67 -6.34
CA GLY C 93 -20.82 1.00 -5.52
C GLY C 93 -20.33 -0.05 -4.57
N GLY C 94 -19.06 -0.46 -4.71
CA GLY C 94 -18.47 -1.40 -3.77
C GLY C 94 -17.85 -2.65 -4.36
N GLU C 95 -17.42 -3.54 -3.47
CA GLU C 95 -16.54 -4.66 -3.81
C GLU C 95 -17.13 -5.73 -4.74
N ASN C 96 -18.45 -5.88 -4.77
CA ASN C 96 -19.06 -6.84 -5.70
C ASN C 96 -19.52 -6.27 -7.03
N GLN C 97 -19.29 -4.97 -7.21
CA GLN C 97 -19.49 -4.30 -8.49
C GLN C 97 -18.46 -4.80 -9.50
N VAL C 98 -18.74 -4.63 -10.78
CA VAL C 98 -17.90 -5.26 -11.80
C VAL C 98 -16.58 -4.52 -11.96
N GLU C 99 -15.50 -5.30 -11.95
CA GLU C 99 -14.17 -4.83 -12.27
C GLU C 99 -14.06 -4.93 -13.79
N TYR C 100 -14.53 -3.87 -14.46
CA TYR C 100 -14.80 -3.89 -15.88
C TYR C 100 -13.57 -3.58 -16.75
N LEU C 101 -12.52 -3.05 -16.14
CA LEU C 101 -11.27 -2.80 -16.87
C LEU C 101 -10.08 -3.16 -16.01
N ILE C 102 -9.31 -4.14 -16.48
CA ILE C 102 -8.16 -4.62 -15.74
C ILE C 102 -6.97 -4.63 -16.70
N ILE C 103 -5.91 -3.93 -16.31
CA ILE C 103 -4.69 -3.82 -17.11
C ILE C 103 -3.56 -4.48 -16.34
N THR C 104 -3.00 -5.54 -16.91
CA THR C 104 -1.93 -6.30 -16.27
C THR C 104 -0.64 -6.10 -17.05
N LEU C 105 0.39 -5.65 -16.34
CA LEU C 105 1.72 -5.39 -16.89
C LEU C 105 2.70 -6.45 -16.42
N LYS C 106 3.57 -6.88 -17.32
CA LYS C 106 4.55 -7.91 -16.97
C LYS C 106 5.95 -7.39 -17.24
N GLU C 107 6.86 -7.66 -16.30
CA GLU C 107 8.24 -7.17 -16.29
C GLU C 107 8.26 -5.65 -16.17
N VAL C 108 8.06 -5.18 -14.94
CA VAL C 108 7.72 -3.79 -14.69
C VAL C 108 8.81 -3.01 -13.96
N LEU C 109 9.20 -1.91 -14.59
CA LEU C 109 10.19 -0.98 -14.06
C LEU C 109 9.46 0.29 -13.63
N VAL C 110 9.85 0.85 -12.49
CA VAL C 110 9.34 2.16 -12.09
C VAL C 110 10.17 3.22 -12.81
N SER C 111 9.62 3.84 -13.84
CA SER C 111 10.42 4.72 -14.68
C SER C 111 10.54 6.16 -14.13
N SER C 112 9.62 6.57 -13.27
CA SER C 112 9.77 7.84 -12.56
C SER C 112 8.87 7.92 -11.34
N VAL C 113 9.26 8.77 -10.40
CA VAL C 113 8.43 9.13 -9.26
C VAL C 113 8.58 10.64 -9.11
N SER C 114 7.47 11.36 -9.09
CA SER C 114 7.48 12.82 -8.89
C SER C 114 6.57 13.12 -7.72
N THR C 115 7.17 13.62 -6.65
CA THR C 115 6.46 13.75 -5.40
C THR C 115 6.56 15.18 -4.84
N GLY C 116 5.87 15.43 -3.74
CA GLY C 116 5.92 16.75 -3.12
C GLY C 116 4.63 17.10 -2.42
N GLY C 117 4.48 18.37 -2.06
CA GLY C 117 3.25 18.83 -1.42
C GLY C 117 3.14 20.32 -1.35
N SER C 118 1.94 20.79 -1.02
CA SER C 118 1.63 22.22 -0.85
C SER C 118 0.46 22.37 0.10
N GLY C 119 -0.20 23.52 0.05
CA GLY C 119 -1.38 23.77 0.88
C GLY C 119 -1.18 23.59 2.38
N GLY C 120 -2.26 23.32 3.10
CA GLY C 120 -3.58 23.14 2.50
C GLY C 120 -3.90 21.67 2.30
N GLU C 121 -2.92 20.91 1.82
CA GLU C 121 -3.08 19.47 1.60
C GLU C 121 -2.98 18.70 2.90
N ASP C 122 -4.03 17.94 3.23
CA ASP C 122 -4.01 17.03 4.36
C ASP C 122 -3.38 15.68 3.97
N ARG C 123 -3.51 15.34 2.68
CA ARG C 123 -2.88 14.15 2.13
C ARG C 123 -2.08 14.51 0.88
N LEU C 124 -0.76 14.32 0.94
CA LEU C 124 0.14 14.63 -0.18
C LEU C 124 0.02 13.57 -1.25
N THR C 125 0.22 13.99 -2.50
CA THR C 125 0.10 13.09 -3.65
C THR C 125 1.39 13.08 -4.48
N GLU C 126 1.53 12.06 -5.32
CA GLU C 126 2.70 11.89 -6.17
C GLU C 126 2.37 11.16 -7.45
N ASN C 127 3.17 11.39 -8.49
CA ASN C 127 2.95 10.73 -9.77
C ASN C 127 4.02 9.68 -10.03
N VAL C 128 3.59 8.54 -10.55
CA VAL C 128 4.47 7.42 -10.81
C VAL C 128 4.27 6.99 -12.25
N THR C 129 5.37 6.61 -12.92
CA THR C 129 5.26 6.02 -14.26
C THR C 129 5.88 4.63 -14.31
N LEU C 130 5.29 3.76 -15.12
CA LEU C 130 5.71 2.35 -15.18
C LEU C 130 6.05 1.97 -16.62
N ASN C 131 7.19 1.31 -16.80
CA ASN C 131 7.65 0.82 -18.09
C ASN C 131 7.61 -0.72 -18.02
N PHE C 132 7.17 -1.38 -19.09
CA PHE C 132 6.88 -2.82 -18.99
C PHE C 132 7.09 -3.52 -20.33
N ALA C 133 7.41 -4.82 -20.26
CA ALA C 133 7.66 -5.62 -21.47
C ALA C 133 6.39 -6.14 -22.16
N GLN C 134 5.32 -6.37 -21.40
CA GLN C 134 4.08 -6.94 -21.92
C GLN C 134 2.89 -6.31 -21.23
N VAL C 135 1.77 -6.23 -21.95
CA VAL C 135 0.51 -5.72 -21.38
C VAL C 135 -0.70 -6.58 -21.77
N GLN C 136 -1.61 -6.76 -20.82
CA GLN C 136 -2.91 -7.39 -21.08
C GLN C 136 -3.99 -6.39 -20.66
N VAL C 137 -5.00 -6.20 -21.51
CA VAL C 137 -6.15 -5.37 -21.15
C VAL C 137 -7.42 -6.22 -21.27
N ASP C 138 -8.12 -6.38 -20.15
CA ASP C 138 -9.37 -7.15 -20.11
C ASP C 138 -10.53 -6.24 -19.78
N TYR C 139 -11.48 -6.12 -20.73
CA TYR C 139 -12.68 -5.30 -20.53
C TYR C 139 -13.90 -6.21 -20.41
N GLN C 140 -14.68 -6.00 -19.34
CA GLN C 140 -15.88 -6.79 -19.11
C GLN C 140 -17.16 -5.98 -19.39
N PRO C 141 -17.84 -6.26 -20.53
CA PRO C 141 -19.09 -5.58 -20.84
C PRO C 141 -20.21 -6.02 -19.89
N GLN C 142 -21.20 -5.15 -19.73
CA GLN C 142 -22.30 -5.41 -18.80
C GLN C 142 -23.66 -5.17 -19.45
N LYS C 143 -24.66 -5.91 -18.99
CA LYS C 143 -26.05 -5.67 -19.36
C LYS C 143 -26.56 -4.37 -18.73
N ALA C 144 -27.76 -3.95 -19.14
CA ALA C 144 -28.42 -2.76 -18.60
C ALA C 144 -28.56 -2.81 -17.07
N ASP C 145 -28.76 -4.00 -16.51
CA ASP C 145 -28.91 -4.16 -15.06
C ASP C 145 -27.59 -4.26 -14.28
N GLY C 146 -26.47 -4.27 -15.02
CA GLY C 146 -25.15 -4.28 -14.40
C GLY C 146 -24.50 -5.65 -14.33
N ALA C 147 -25.27 -6.70 -14.66
CA ALA C 147 -24.72 -8.05 -14.74
C ALA C 147 -23.73 -8.17 -15.89
N LYS C 148 -22.82 -9.12 -15.80
CA LYS C 148 -21.85 -9.37 -16.87
C LYS C 148 -22.52 -9.79 -18.17
N ASP C 149 -22.04 -9.22 -19.28
CA ASP C 149 -22.57 -9.56 -20.59
C ASP C 149 -21.47 -10.27 -21.36
N GLY C 150 -21.59 -11.58 -21.47
CA GLY C 150 -20.57 -12.42 -22.10
C GLY C 150 -19.27 -12.43 -21.31
N GLY C 151 -18.21 -12.91 -21.95
CA GLY C 151 -16.89 -12.93 -21.34
C GLY C 151 -16.13 -11.63 -21.58
N PRO C 152 -15.00 -11.46 -20.88
CA PRO C 152 -14.16 -10.29 -21.16
C PRO C 152 -13.69 -10.18 -22.62
N VAL C 153 -13.56 -8.95 -23.08
CA VAL C 153 -12.97 -8.65 -24.38
C VAL C 153 -11.50 -8.34 -24.13
N LYS C 154 -10.62 -9.03 -24.85
CA LYS C 154 -9.20 -9.10 -24.48
C LYS C 154 -8.24 -8.52 -25.52
N TYR C 155 -7.17 -7.90 -25.02
CA TYR C 155 -6.07 -7.42 -25.83
C TYR C 155 -4.78 -7.71 -25.08
N GLY C 156 -3.85 -8.38 -25.75
CA GLY C 156 -2.55 -8.68 -25.17
C GLY C 156 -1.46 -8.38 -26.17
N TRP C 157 -0.40 -7.73 -25.72
CA TRP C 157 0.70 -7.37 -26.58
C TRP C 157 2.05 -7.52 -25.88
N ASN C 158 2.96 -8.23 -26.55
CA ASN C 158 4.33 -8.33 -26.08
C ASN C 158 5.16 -7.24 -26.78
N ILE C 159 5.44 -6.18 -26.03
CA ILE C 159 6.11 -5.01 -26.57
C ILE C 159 7.54 -5.35 -26.97
N ARG C 160 8.19 -6.13 -26.11
CA ARG C 160 9.57 -6.53 -26.28
C ARG C 160 9.77 -7.29 -27.60
N GLN C 161 8.87 -8.22 -27.90
CA GLN C 161 8.98 -9.04 -29.10
C GLN C 161 8.14 -8.52 -30.27
N ASN C 162 7.36 -7.46 -30.01
CA ASN C 162 6.51 -6.82 -31.02
C ASN C 162 5.49 -7.76 -31.66
N VAL C 163 4.82 -8.55 -30.82
CA VAL C 163 3.83 -9.53 -31.28
C VAL C 163 2.71 -9.65 -30.25
N GLN C 164 1.56 -10.17 -30.67
CA GLN C 164 0.44 -10.33 -29.75
C GLN C 164 0.74 -11.33 -28.63
N ALA C 165 0.07 -11.12 -27.50
CA ALA C 165 0.23 -11.98 -26.33
C ALA C 165 -1.13 -12.19 -25.67
#